data_2BQW
#
_entry.id   2BQW
#
_cell.length_a   56.380
_cell.length_b   71.900
_cell.length_c   78.630
_cell.angle_alpha   90.00
_cell.angle_beta   90.00
_cell.angle_gamma   90.00
#
_symmetry.space_group_name_H-M   'P 21 21 21'
#
loop_
_entity.id
_entity.type
_entity.pdbx_description
1 polymer 'COAGULATION FACTOR X'
2 polymer 'FACTOR XA'
3 non-polymer 'CALCIUM ION'
4 non-polymer 1-{2-[(4-CHLOROPHENYL)AMINO]-2-OXOETHYL}-N-(1-ISOPROPYLPIPERIDIN-4-YL)-1H-INDOLE-2-CARBOXAMIDE
5 water water
#
loop_
_entity_poly.entity_id
_entity_poly.type
_entity_poly.pdbx_seq_one_letter_code
_entity_poly.pdbx_strand_id
1 'polypeptide(L)' RKLCSLDNGDCDQFCHEEQNSVVCSCARGYTLADNGKACIPTGPYPCGKQTL A
2 'polypeptide(L)'
;FNQTQPERGDNNLTRIVGGQECKDGECPWQALLINEENEGFCGGTILSEFYILTAAHCLYQAKRFKVRVGDRNTEQEEGG
EAVHEVEVVIKHNRFTKETYDFDIAVLRLKTPITFRMNVAPACLPERDWAESTLMTQKTGIVSGFGRTHEKGRQSTRLKM
LEVPYVDRNSCKLSSSFIITQNMFCAGYDTKQEDACQGDSGGPHVTRFKDTYFVTGIVSWGEGCARKGKYGIYTKVTAFL
KWIDRSMKT
;
B
#
loop_
_chem_comp.id
_chem_comp.type
_chem_comp.name
_chem_comp.formula
CA non-polymer 'CALCIUM ION' 'Ca 2'
IIE non-polymer 1-{2-[(4-CHLOROPHENYL)AMINO]-2-OXOETHYL}-N-(1-ISOPROPYLPIPERIDIN-4-YL)-1H-INDOLE-2-CARBOXAMIDE 'C25 H29 Cl N4 O2'
#
# COMPACT_ATOMS: atom_id res chain seq x y z
N ARG A 1 -4.26 29.68 2.08
CA ARG A 1 -5.11 28.49 1.80
C ARG A 1 -6.43 28.91 1.14
N LYS A 2 -6.58 28.58 -0.14
CA LYS A 2 -7.80 28.91 -0.89
C LYS A 2 -8.28 27.64 -1.59
N LEU A 3 -9.57 27.58 -1.91
CA LEU A 3 -10.15 26.42 -2.58
C LEU A 3 -9.65 25.12 -1.97
N CYS A 4 -9.34 24.13 -2.80
CA CYS A 4 -8.87 22.83 -2.30
C CYS A 4 -7.72 22.95 -1.30
N SER A 5 -7.03 24.07 -1.31
CA SER A 5 -5.92 24.26 -0.39
C SER A 5 -6.47 24.49 1.01
N LEU A 6 -7.75 24.85 1.08
CA LEU A 6 -8.42 25.09 2.35
C LEU A 6 -9.31 23.90 2.67
N ASP A 7 -8.95 23.20 3.73
CA ASP A 7 -9.64 22.00 4.20
C ASP A 7 -10.18 21.11 3.09
N ASN A 8 -9.34 20.84 2.10
CA ASN A 8 -9.70 19.97 1.01
C ASN A 8 -10.94 20.40 0.23
N GLY A 9 -11.20 21.71 0.19
CA GLY A 9 -12.36 22.19 -0.54
C GLY A 9 -13.64 21.60 0.00
N ASP A 10 -13.55 21.05 1.20
CA ASP A 10 -14.68 20.44 1.90
C ASP A 10 -15.11 19.13 1.27
N CYS A 11 -14.28 18.60 0.37
CA CYS A 11 -14.57 17.34 -0.31
C CYS A 11 -14.25 16.11 0.56
N ASP A 12 -15.04 15.07 0.41
CA ASP A 12 -14.81 13.85 1.16
C ASP A 12 -13.50 13.26 0.68
N GLN A 13 -13.25 13.37 -0.63
CA GLN A 13 -12.04 12.80 -1.21
C GLN A 13 -11.33 13.69 -2.23
N PHE A 14 -11.22 13.24 -3.47
CA PHE A 14 -10.53 14.00 -4.52
C PHE A 14 -11.08 15.40 -4.68
N CYS A 15 -10.18 16.38 -4.65
CA CYS A 15 -10.55 17.78 -4.81
C CYS A 15 -9.68 18.43 -5.87
N HIS A 16 -10.31 19.05 -6.85
CA HIS A 16 -9.54 19.75 -7.87
C HIS A 16 -10.17 21.09 -8.21
N GLU A 17 -9.31 22.09 -8.31
CA GLU A 17 -9.69 23.46 -8.62
C GLU A 17 -9.80 23.66 -10.11
N GLU A 18 -10.97 24.07 -10.56
CA GLU A 18 -11.18 24.34 -11.97
C GLU A 18 -11.89 25.68 -12.09
N GLN A 19 -11.13 26.70 -12.45
CA GLN A 19 -11.66 28.06 -12.59
C GLN A 19 -12.08 28.60 -11.22
N ASN A 20 -11.09 29.08 -10.47
CA ASN A 20 -11.31 29.61 -9.13
C ASN A 20 -12.52 29.05 -8.40
N SER A 21 -12.82 27.78 -8.66
CA SER A 21 -13.95 27.11 -8.02
C SER A 21 -13.59 25.66 -7.72
N VAL A 22 -14.11 25.14 -6.61
CA VAL A 22 -13.84 23.78 -6.18
C VAL A 22 -14.69 22.74 -6.91
N VAL A 23 -14.16 21.53 -7.05
CA VAL A 23 -14.88 20.43 -7.68
C VAL A 23 -14.47 19.09 -7.11
N CYS A 24 -15.41 18.43 -6.44
CA CYS A 24 -15.15 17.13 -5.81
C CYS A 24 -15.47 15.93 -6.70
N SER A 25 -14.79 14.83 -6.43
CA SER A 25 -14.99 13.58 -7.15
C SER A 25 -14.57 12.44 -6.23
N CYS A 26 -15.06 11.24 -6.50
CA CYS A 26 -14.76 10.08 -5.67
C CYS A 26 -14.14 8.92 -6.43
N ALA A 27 -13.33 8.13 -5.72
CA ALA A 27 -12.66 6.97 -6.31
C ALA A 27 -13.67 5.92 -6.79
N ARG A 28 -13.20 4.98 -7.60
CA ARG A 28 -14.07 3.94 -8.13
C ARG A 28 -14.77 3.18 -7.01
N GLY A 29 -16.09 3.15 -7.08
CA GLY A 29 -16.85 2.45 -6.07
C GLY A 29 -17.68 3.40 -5.27
N TYR A 30 -17.51 4.69 -5.55
CA TYR A 30 -18.26 5.73 -4.86
C TYR A 30 -18.92 6.64 -5.89
N THR A 31 -19.98 7.32 -5.47
CA THR A 31 -20.64 8.26 -6.35
C THR A 31 -20.67 9.58 -5.59
N LEU A 32 -20.57 10.67 -6.33
CA LEU A 32 -20.60 11.99 -5.71
C LEU A 32 -21.99 12.17 -5.13
N ALA A 33 -22.05 12.64 -3.89
CA ALA A 33 -23.34 12.84 -3.25
C ALA A 33 -24.02 14.08 -3.80
N ASP A 34 -25.22 14.31 -3.31
CA ASP A 34 -26.02 15.44 -3.74
C ASP A 34 -25.31 16.77 -3.57
N ASN A 35 -24.68 16.95 -2.43
CA ASN A 35 -23.99 18.20 -2.14
C ASN A 35 -22.72 18.37 -2.96
N GLY A 36 -22.52 17.44 -3.90
CA GLY A 36 -21.33 17.51 -4.73
C GLY A 36 -20.07 17.56 -3.89
N LYS A 37 -20.15 17.04 -2.67
CA LYS A 37 -19.00 17.05 -1.78
C LYS A 37 -18.67 15.69 -1.16
N ALA A 38 -19.67 15.05 -0.59
CA ALA A 38 -19.46 13.76 0.05
C ALA A 38 -19.41 12.61 -0.97
N CYS A 39 -18.96 11.45 -0.52
CA CYS A 39 -18.86 10.29 -1.38
C CYS A 39 -19.65 9.11 -0.80
N ILE A 40 -20.60 8.60 -1.57
CA ILE A 40 -21.43 7.49 -1.13
C ILE A 40 -21.01 6.18 -1.77
N PRO A 41 -20.74 5.16 -0.94
CA PRO A 41 -20.32 3.84 -1.43
C PRO A 41 -21.41 3.31 -2.34
N THR A 42 -21.01 2.68 -3.44
CA THR A 42 -21.97 2.15 -4.39
C THR A 42 -22.46 0.75 -4.00
N GLY A 43 -21.54 -0.13 -3.64
CA GLY A 43 -21.93 -1.46 -3.25
C GLY A 43 -21.26 -1.88 -1.96
N PRO A 44 -21.43 -3.14 -1.54
CA PRO A 44 -20.78 -3.55 -0.29
C PRO A 44 -19.27 -3.64 -0.47
N TYR A 45 -18.55 -3.41 0.63
CA TYR A 45 -17.10 -3.46 0.63
C TYR A 45 -16.44 -2.48 -0.34
N PRO A 46 -16.73 -1.18 -0.17
CA PRO A 46 -16.16 -0.13 -1.02
C PRO A 46 -14.68 0.06 -0.66
N CYS A 47 -13.86 0.35 -1.65
CA CYS A 47 -12.43 0.52 -1.43
C CYS A 47 -12.08 1.52 -0.31
N GLY A 48 -10.97 1.25 0.35
CA GLY A 48 -10.49 2.13 1.40
C GLY A 48 -11.18 2.11 2.75
N LYS A 49 -11.99 1.09 3.01
CA LYS A 49 -12.69 1.01 4.28
C LYS A 49 -12.37 -0.25 5.09
N GLN A 50 -12.07 -0.07 6.37
CA GLN A 50 -11.79 -1.18 7.26
C GLN A 50 -13.15 -1.76 7.60
N THR A 51 -13.25 -3.09 7.56
CA THR A 51 -14.51 -3.77 7.86
C THR A 51 -14.77 -3.93 9.36
N LEU A 52 -14.42 -2.91 10.13
CA LEU A 52 -14.63 -2.95 11.58
C LEU A 52 -16.12 -3.01 11.91
N ILE B 16 7.66 -6.18 10.08
CA ILE B 16 7.24 -4.98 10.86
C ILE B 16 7.94 -4.95 12.22
N VAL B 17 8.84 -4.00 12.40
CA VAL B 17 9.56 -3.87 13.65
C VAL B 17 8.81 -2.88 14.52
N GLY B 18 8.14 -3.37 15.54
CA GLY B 18 7.37 -2.51 16.42
C GLY B 18 5.90 -2.57 16.02
N GLY B 19 5.22 -1.43 16.10
CA GLY B 19 3.82 -1.36 15.75
C GLY B 19 2.90 -2.22 16.59
N GLN B 20 1.71 -2.48 16.06
CA GLN B 20 0.71 -3.30 16.74
C GLN B 20 0.22 -4.31 15.70
N GLU B 21 -0.51 -5.33 16.15
CA GLU B 21 -1.01 -6.33 15.21
C GLU B 21 -2.29 -5.78 14.62
N CYS B 22 -2.57 -6.15 13.38
CA CYS B 22 -3.78 -5.68 12.74
C CYS B 22 -4.94 -6.37 13.39
N LYS B 23 -5.84 -5.59 13.99
CA LYS B 23 -6.99 -6.18 14.65
C LYS B 23 -8.04 -6.54 13.61
N ASP B 24 -8.88 -7.50 13.97
CA ASP B 24 -9.92 -7.99 13.09
C ASP B 24 -10.60 -6.86 12.33
N GLY B 25 -10.30 -6.75 11.04
CA GLY B 25 -10.90 -5.72 10.22
C GLY B 25 -10.01 -4.54 9.86
N GLU B 26 -9.02 -4.26 10.70
CA GLU B 26 -8.13 -3.13 10.45
C GLU B 26 -7.34 -3.13 9.15
N CYS B 27 -6.83 -4.27 8.71
CA CYS B 27 -6.04 -4.28 7.47
C CYS B 27 -6.53 -5.34 6.47
N PRO B 28 -7.74 -5.11 5.91
CA PRO B 28 -8.35 -6.04 4.94
C PRO B 28 -7.71 -6.04 3.56
N TRP B 29 -6.96 -4.99 3.25
CA TRP B 29 -6.34 -4.91 1.94
C TRP B 29 -4.97 -5.56 1.89
N GLN B 30 -4.54 -6.14 3.01
CA GLN B 30 -3.25 -6.81 3.04
C GLN B 30 -3.36 -8.05 2.17
N ALA B 31 -2.24 -8.47 1.60
CA ALA B 31 -2.22 -9.65 0.76
C ALA B 31 -0.90 -10.32 1.04
N LEU B 32 -0.88 -11.64 1.02
CA LEU B 32 0.35 -12.37 1.27
C LEU B 32 0.77 -13.26 0.11
N LEU B 33 2.03 -13.13 -0.31
CA LEU B 33 2.55 -13.94 -1.40
C LEU B 33 3.26 -15.14 -0.79
N ILE B 34 2.77 -16.34 -1.08
CA ILE B 34 3.37 -17.56 -0.55
C ILE B 34 3.98 -18.42 -1.65
N ASN B 35 5.02 -19.17 -1.31
CA ASN B 35 5.69 -20.04 -2.27
C ASN B 35 5.08 -21.45 -2.28
N GLU B 36 5.80 -22.41 -2.83
CA GLU B 36 5.32 -23.79 -2.90
C GLU B 36 5.17 -24.40 -1.52
N GLU B 37 5.89 -23.87 -0.54
CA GLU B 37 5.83 -24.38 0.81
C GLU B 37 4.91 -23.56 1.72
N ASN B 38 3.98 -22.83 1.11
CA ASN B 38 3.03 -21.99 1.85
C ASN B 38 3.70 -21.06 2.85
N GLU B 39 4.91 -20.60 2.53
CA GLU B 39 5.63 -19.70 3.40
C GLU B 39 5.50 -18.29 2.83
N GLY B 40 5.00 -17.35 3.61
CA GLY B 40 4.86 -16.00 3.12
C GLY B 40 6.23 -15.36 2.92
N PHE B 41 6.51 -14.84 1.73
CA PHE B 41 7.80 -14.20 1.47
C PHE B 41 7.65 -12.74 1.10
N CYS B 42 6.46 -12.33 0.72
CA CYS B 42 6.23 -10.93 0.35
C CYS B 42 4.80 -10.48 0.62
N GLY B 43 4.63 -9.17 0.65
CA GLY B 43 3.31 -8.62 0.89
C GLY B 43 2.63 -8.21 -0.40
N GLY B 44 1.37 -7.82 -0.29
CA GLY B 44 0.62 -7.39 -1.45
C GLY B 44 -0.51 -6.50 -1.02
N THR B 45 -1.07 -5.76 -1.96
CA THR B 45 -2.18 -4.87 -1.66
C THR B 45 -3.31 -5.19 -2.62
N ILE B 46 -4.51 -5.42 -2.08
CA ILE B 46 -5.66 -5.71 -2.92
C ILE B 46 -6.14 -4.43 -3.59
N LEU B 47 -6.24 -4.45 -4.91
CA LEU B 47 -6.69 -3.27 -5.65
C LEU B 47 -8.12 -3.47 -6.13
N SER B 48 -8.40 -4.69 -6.55
CA SER B 48 -9.72 -5.05 -7.01
C SER B 48 -9.85 -6.55 -6.84
N GLU B 49 -11.03 -7.08 -7.12
CA GLU B 49 -11.24 -8.50 -6.96
C GLU B 49 -10.27 -9.33 -7.82
N PHE B 50 -9.62 -8.69 -8.79
CA PHE B 50 -8.69 -9.36 -9.69
C PHE B 50 -7.24 -8.90 -9.60
N TYR B 51 -7.01 -7.67 -9.13
CA TYR B 51 -5.65 -7.15 -9.11
C TYR B 51 -4.94 -6.88 -7.79
N ILE B 52 -3.72 -7.39 -7.69
CA ILE B 52 -2.90 -7.20 -6.50
C ILE B 52 -1.69 -6.36 -6.88
N LEU B 53 -1.29 -5.48 -5.96
CA LEU B 53 -0.14 -4.62 -6.16
C LEU B 53 0.99 -5.11 -5.29
N THR B 54 2.20 -5.15 -5.84
CA THR B 54 3.34 -5.60 -5.05
C THR B 54 4.67 -5.12 -5.61
N ALA B 55 5.73 -5.28 -4.84
CA ALA B 55 7.06 -4.87 -5.25
C ALA B 55 7.56 -5.68 -6.43
N ALA B 56 8.25 -5.02 -7.36
CA ALA B 56 8.80 -5.70 -8.54
C ALA B 56 9.83 -6.75 -8.17
N HIS B 57 10.71 -6.41 -7.22
CA HIS B 57 11.75 -7.32 -6.80
C HIS B 57 11.22 -8.56 -6.10
N CYS B 58 9.98 -8.54 -5.65
CA CYS B 58 9.43 -9.71 -4.97
C CYS B 58 9.25 -10.91 -5.91
N LEU B 59 9.14 -10.63 -7.20
CA LEU B 59 8.94 -11.67 -8.21
C LEU B 59 10.11 -12.63 -8.37
N TYR B 60 11.28 -12.26 -7.86
CA TYR B 60 12.46 -13.11 -7.99
C TYR B 60 12.65 -13.99 -6.75
N GLN B 61 11.89 -13.68 -5.70
CA GLN B 61 11.98 -14.39 -4.44
C GLN B 61 11.46 -15.84 -4.46
N ALA B 62 10.70 -16.18 -5.49
CA ALA B 62 10.15 -17.53 -5.63
C ALA B 62 9.77 -17.77 -7.08
N LYS B 63 10.00 -18.98 -7.56
CA LYS B 63 9.68 -19.31 -8.94
C LYS B 63 8.18 -19.39 -9.22
N ARG B 64 7.43 -19.98 -8.30
CA ARG B 64 5.97 -20.06 -8.47
C ARG B 64 5.33 -19.71 -7.13
N PHE B 65 4.40 -18.76 -7.15
CA PHE B 65 3.73 -18.33 -5.92
C PHE B 65 2.25 -18.04 -6.10
N LYS B 66 1.51 -18.08 -5.01
CA LYS B 66 0.08 -17.80 -5.02
C LYS B 66 -0.14 -16.60 -4.12
N VAL B 67 -1.38 -16.14 -4.01
CA VAL B 67 -1.67 -15.00 -3.15
C VAL B 67 -2.75 -15.38 -2.14
N ARG B 68 -2.45 -15.14 -0.86
CA ARG B 68 -3.40 -15.45 0.21
C ARG B 68 -3.96 -14.14 0.74
N VAL B 69 -5.26 -14.10 1.00
CA VAL B 69 -5.87 -12.90 1.51
C VAL B 69 -6.80 -13.25 2.67
N GLY B 70 -7.11 -12.28 3.50
CA GLY B 70 -7.99 -12.50 4.63
C GLY B 70 -7.33 -13.26 5.75
N ASP B 71 -6.02 -13.12 5.90
CA ASP B 71 -5.30 -13.83 6.94
C ASP B 71 -4.53 -12.89 7.86
N ARG B 72 -4.59 -13.15 9.17
CA ARG B 72 -3.89 -12.33 10.16
C ARG B 72 -3.00 -13.20 11.04
N ASN B 73 -3.25 -14.50 11.03
CA ASN B 73 -2.51 -15.44 11.85
C ASN B 73 -2.12 -16.61 10.96
N THR B 74 -0.87 -16.67 10.53
CA THR B 74 -0.43 -17.74 9.63
C THR B 74 -0.52 -19.16 10.17
N GLU B 75 -0.78 -19.31 11.46
CA GLU B 75 -0.87 -20.64 12.03
C GLU B 75 -2.12 -20.88 12.87
N GLN B 76 -3.28 -20.74 12.23
CA GLN B 76 -4.57 -20.91 12.88
C GLN B 76 -5.62 -20.26 11.99
N GLU B 77 -6.24 -21.07 11.13
CA GLU B 77 -7.25 -20.58 10.21
C GLU B 77 -8.41 -19.81 10.82
N GLU B 78 -8.50 -18.53 10.44
CA GLU B 78 -9.55 -17.64 10.90
C GLU B 78 -10.77 -17.82 10.00
N GLY B 79 -10.77 -18.90 9.22
CA GLY B 79 -11.87 -19.21 8.33
C GLY B 79 -12.19 -18.16 7.28
N GLY B 80 -11.44 -17.07 7.27
CA GLY B 80 -11.68 -16.01 6.30
C GLY B 80 -10.56 -15.89 5.28
N GLU B 81 -9.58 -16.79 5.39
CA GLU B 81 -8.45 -16.79 4.48
C GLU B 81 -8.93 -17.31 3.13
N ALA B 82 -8.05 -17.26 2.14
CA ALA B 82 -8.38 -17.72 0.81
C ALA B 82 -7.18 -17.58 -0.10
N VAL B 83 -6.79 -18.67 -0.74
CA VAL B 83 -5.66 -18.65 -1.65
C VAL B 83 -6.16 -18.47 -3.08
N HIS B 84 -5.39 -17.73 -3.87
CA HIS B 84 -5.75 -17.49 -5.24
C HIS B 84 -4.52 -17.70 -6.11
N GLU B 85 -4.71 -18.32 -7.27
CA GLU B 85 -3.60 -18.54 -8.16
C GLU B 85 -3.39 -17.29 -9.00
N VAL B 86 -2.13 -16.96 -9.24
CA VAL B 86 -1.80 -15.81 -10.05
C VAL B 86 -1.93 -16.26 -11.50
N GLU B 87 -2.64 -15.47 -12.30
CA GLU B 87 -2.83 -15.81 -13.70
C GLU B 87 -1.86 -15.05 -14.57
N VAL B 88 -1.70 -13.77 -14.28
CA VAL B 88 -0.82 -12.91 -15.06
C VAL B 88 0.06 -12.08 -14.14
N VAL B 89 1.33 -11.94 -14.52
CA VAL B 89 2.25 -11.14 -13.73
C VAL B 89 2.73 -10.00 -14.62
N ILE B 90 2.41 -8.78 -14.23
CA ILE B 90 2.80 -7.60 -14.99
C ILE B 90 3.87 -6.83 -14.23
N LYS B 91 5.13 -7.04 -14.63
CA LYS B 91 6.26 -6.38 -14.03
C LYS B 91 6.60 -5.13 -14.83
N HIS B 92 6.94 -4.04 -14.16
CA HIS B 92 7.30 -2.82 -14.88
C HIS B 92 8.58 -3.20 -15.59
N ASN B 93 8.65 -2.93 -16.89
CA ASN B 93 9.83 -3.32 -17.67
C ASN B 93 11.10 -2.53 -17.34
N ARG B 94 10.95 -1.37 -16.69
CA ARG B 94 12.11 -0.57 -16.34
C ARG B 94 12.70 -0.92 -14.96
N PHE B 95 12.26 -2.01 -14.35
CA PHE B 95 12.79 -2.38 -13.04
C PHE B 95 14.23 -2.82 -13.13
N THR B 96 15.01 -2.56 -12.09
CA THR B 96 16.41 -2.94 -12.09
C THR B 96 16.95 -3.27 -10.71
N LYS B 97 17.34 -4.52 -10.53
CA LYS B 97 17.86 -5.03 -9.28
C LYS B 97 19.10 -4.29 -8.83
N GLU B 98 19.59 -3.38 -9.66
CA GLU B 98 20.81 -2.65 -9.32
C GLU B 98 20.55 -1.50 -8.35
N THR B 99 19.42 -0.83 -8.55
CA THR B 99 19.06 0.30 -7.71
C THR B 99 17.67 0.14 -7.15
N TYR B 100 16.96 -0.89 -7.61
CA TYR B 100 15.60 -1.16 -7.14
C TYR B 100 14.62 -0.08 -7.58
N ASP B 101 14.95 0.62 -8.66
CA ASP B 101 14.08 1.66 -9.21
C ASP B 101 12.95 0.97 -9.95
N PHE B 102 11.77 1.59 -9.98
CA PHE B 102 10.59 1.01 -10.63
C PHE B 102 10.21 -0.31 -9.98
N ASP B 103 10.39 -0.40 -8.67
CA ASP B 103 10.07 -1.59 -7.92
C ASP B 103 8.53 -1.66 -7.77
N ILE B 104 7.86 -2.06 -8.85
CA ILE B 104 6.40 -2.15 -8.87
C ILE B 104 5.92 -3.18 -9.89
N ALA B 105 4.86 -3.90 -9.55
CA ALA B 105 4.31 -4.92 -10.43
C ALA B 105 2.86 -5.23 -10.05
N VAL B 106 2.05 -5.59 -11.05
CA VAL B 106 0.65 -5.93 -10.79
C VAL B 106 0.38 -7.41 -11.04
N LEU B 107 -0.51 -8.00 -10.26
CA LEU B 107 -0.85 -9.41 -10.43
C LEU B 107 -2.32 -9.55 -10.80
N ARG B 108 -2.59 -10.38 -11.81
CA ARG B 108 -3.98 -10.64 -12.23
C ARG B 108 -4.31 -12.02 -11.65
N LEU B 109 -5.42 -12.12 -10.93
CA LEU B 109 -5.80 -13.39 -10.34
C LEU B 109 -6.72 -14.22 -11.25
N LYS B 110 -6.53 -15.54 -11.23
CA LYS B 110 -7.35 -16.43 -12.06
C LYS B 110 -8.80 -16.32 -11.64
N THR B 111 -9.03 -16.35 -10.34
CA THR B 111 -10.37 -16.24 -9.80
C THR B 111 -10.50 -14.92 -9.03
N PRO B 112 -11.70 -14.33 -9.04
CA PRO B 112 -11.95 -13.06 -8.34
C PRO B 112 -11.85 -13.22 -6.84
N ILE B 113 -11.67 -12.10 -6.13
CA ILE B 113 -11.59 -12.11 -4.67
C ILE B 113 -12.99 -11.86 -4.08
N THR B 114 -13.38 -12.69 -3.13
CA THR B 114 -14.69 -12.53 -2.51
C THR B 114 -14.55 -11.69 -1.24
N PHE B 115 -14.77 -10.38 -1.39
CA PHE B 115 -14.66 -9.43 -0.29
C PHE B 115 -15.48 -9.82 0.92
N ARG B 116 -14.88 -9.66 2.09
CA ARG B 116 -15.54 -10.02 3.33
C ARG B 116 -14.82 -9.31 4.49
N MET B 117 -15.03 -9.81 5.70
CA MET B 117 -14.46 -9.23 6.91
C MET B 117 -13.03 -8.71 6.83
N ASN B 118 -12.07 -9.54 6.47
CA ASN B 118 -10.70 -9.03 6.39
C ASN B 118 -10.18 -9.07 4.97
N VAL B 119 -11.09 -8.87 4.02
CA VAL B 119 -10.72 -8.90 2.62
C VAL B 119 -11.47 -7.81 1.88
N ALA B 120 -10.79 -6.68 1.67
CA ALA B 120 -11.37 -5.55 0.96
C ALA B 120 -10.24 -4.78 0.30
N PRO B 121 -10.52 -4.12 -0.83
CA PRO B 121 -9.54 -3.35 -1.59
C PRO B 121 -9.20 -2.02 -0.97
N ALA B 122 -8.02 -1.51 -1.30
CA ALA B 122 -7.58 -0.20 -0.83
C ALA B 122 -7.77 0.73 -2.03
N CYS B 123 -8.31 1.92 -1.83
CA CYS B 123 -8.54 2.81 -2.97
C CYS B 123 -7.28 3.34 -3.66
N LEU B 124 -7.42 3.61 -4.96
CA LEU B 124 -6.34 4.19 -5.74
C LEU B 124 -6.73 5.66 -5.91
N PRO B 125 -5.83 6.59 -5.55
CA PRO B 125 -6.13 8.02 -5.65
C PRO B 125 -5.79 8.59 -7.02
N GLU B 126 -5.92 9.91 -7.14
CA GLU B 126 -5.59 10.61 -8.37
C GLU B 126 -4.25 11.24 -8.07
N ARG B 127 -3.31 11.11 -9.00
CA ARG B 127 -1.97 11.64 -8.81
C ARG B 127 -1.91 12.99 -8.06
N ASP B 128 -2.35 14.05 -8.72
CA ASP B 128 -2.31 15.39 -8.14
C ASP B 128 -2.89 15.54 -6.73
N TRP B 129 -4.03 14.93 -6.48
CA TRP B 129 -4.63 15.03 -5.15
C TRP B 129 -3.75 14.32 -4.15
N ALA B 130 -3.37 13.10 -4.50
CA ALA B 130 -2.55 12.26 -3.64
C ALA B 130 -1.26 12.95 -3.24
N GLU B 131 -0.64 13.63 -4.19
CA GLU B 131 0.62 14.31 -3.96
C GLU B 131 0.57 15.53 -3.05
N SER B 132 -0.43 16.38 -3.22
CA SER B 132 -0.51 17.58 -2.40
C SER B 132 -1.31 17.45 -1.13
N THR B 133 -2.03 16.34 -0.98
CA THR B 133 -2.85 16.11 0.22
C THR B 133 -2.51 14.83 0.98
N LEU B 134 -2.49 13.69 0.29
CA LEU B 134 -2.16 12.45 0.97
C LEU B 134 -0.71 12.42 1.40
N MET B 135 0.20 12.62 0.46
CA MET B 135 1.62 12.60 0.80
C MET B 135 2.08 13.78 1.64
N THR B 136 1.18 14.72 1.90
CA THR B 136 1.54 15.87 2.69
C THR B 136 0.97 15.74 4.10
N GLN B 137 0.37 14.58 4.37
CA GLN B 137 -0.17 14.31 5.70
C GLN B 137 1.04 14.10 6.59
N LYS B 138 0.81 13.80 7.85
CA LYS B 138 1.91 13.57 8.75
C LYS B 138 2.34 12.12 8.68
N THR B 139 1.38 11.20 8.68
CA THR B 139 1.74 9.80 8.64
C THR B 139 0.98 8.90 7.66
N GLY B 140 1.59 7.75 7.40
CA GLY B 140 1.03 6.73 6.55
C GLY B 140 1.09 5.45 7.35
N ILE B 141 0.43 4.41 6.87
CA ILE B 141 0.42 3.13 7.57
C ILE B 141 1.06 2.07 6.71
N VAL B 142 1.88 1.23 7.33
CA VAL B 142 2.54 0.15 6.61
C VAL B 142 2.22 -1.13 7.34
N SER B 143 2.05 -2.22 6.62
CA SER B 143 1.72 -3.49 7.29
C SER B 143 2.18 -4.76 6.57
N GLY B 144 2.45 -5.81 7.35
CA GLY B 144 2.89 -7.06 6.78
C GLY B 144 3.18 -8.18 7.78
N PHE B 145 3.64 -9.31 7.24
CA PHE B 145 3.98 -10.49 8.04
C PHE B 145 5.50 -10.60 8.11
N GLY B 146 6.18 -9.48 7.83
CA GLY B 146 7.62 -9.45 7.86
C GLY B 146 8.28 -9.67 9.21
N ARG B 147 9.60 -9.62 9.22
CA ARG B 147 10.38 -9.81 10.44
C ARG B 147 10.07 -8.75 11.46
N THR B 148 10.18 -9.10 12.73
CA THR B 148 9.90 -8.16 13.81
C THR B 148 11.21 -7.51 14.28
N HIS B 149 12.32 -8.08 13.81
CA HIS B 149 13.66 -7.58 14.10
C HIS B 149 14.48 -7.86 12.85
N GLU B 150 15.53 -7.07 12.65
CA GLU B 150 16.38 -7.24 11.48
C GLU B 150 16.89 -8.67 11.30
N LYS B 151 17.49 -9.24 12.34
CA LYS B 151 18.01 -10.59 12.28
C LYS B 151 16.97 -11.63 12.75
N GLY B 152 15.78 -11.15 13.11
CA GLY B 152 14.73 -12.04 13.57
C GLY B 152 14.09 -12.86 12.46
N ARG B 153 13.00 -13.56 12.78
CA ARG B 153 12.33 -14.37 11.77
C ARG B 153 10.96 -13.81 11.41
N GLN B 154 10.37 -14.36 10.36
CA GLN B 154 9.07 -13.91 9.87
C GLN B 154 8.05 -13.87 11.00
N SER B 155 7.03 -13.02 10.86
CA SER B 155 5.98 -12.91 11.86
C SER B 155 4.76 -13.77 11.50
N THR B 156 4.12 -14.37 12.50
CA THR B 156 2.95 -15.20 12.20
C THR B 156 1.69 -14.38 12.36
N ARG B 157 1.84 -13.18 12.91
CA ARG B 157 0.72 -12.27 13.11
C ARG B 157 0.85 -11.05 12.22
N LEU B 158 -0.19 -10.73 11.46
CA LEU B 158 -0.16 -9.57 10.58
C LEU B 158 0.10 -8.31 11.40
N LYS B 159 0.95 -7.42 10.92
CA LYS B 159 1.23 -6.21 11.68
C LYS B 159 1.10 -4.91 10.90
N MET B 160 0.91 -3.82 11.63
CA MET B 160 0.78 -2.50 11.03
C MET B 160 1.58 -1.51 11.86
N LEU B 161 2.25 -0.60 11.18
CA LEU B 161 3.05 0.41 11.86
C LEU B 161 2.78 1.80 11.31
N GLU B 162 2.64 2.78 12.20
CA GLU B 162 2.40 4.15 11.76
C GLU B 162 3.75 4.81 11.51
N VAL B 163 4.04 5.06 10.24
CA VAL B 163 5.30 5.68 9.87
C VAL B 163 5.08 7.07 9.32
N PRO B 164 5.80 8.08 9.84
CA PRO B 164 5.67 9.46 9.38
C PRO B 164 6.30 9.60 8.01
N TYR B 165 5.91 10.62 7.28
CA TYR B 165 6.52 10.86 5.98
C TYR B 165 7.85 11.53 6.31
N VAL B 166 8.89 11.12 5.59
CA VAL B 166 10.20 11.69 5.82
C VAL B 166 10.52 12.72 4.75
N ASP B 167 11.04 13.86 5.17
CA ASP B 167 11.39 14.91 4.24
C ASP B 167 12.26 14.36 3.11
N ARG B 168 11.98 14.80 1.88
CA ARG B 168 12.71 14.33 0.72
C ARG B 168 14.21 14.63 0.78
N ASN B 169 14.57 15.74 1.37
CA ASN B 169 15.97 16.14 1.49
C ASN B 169 16.69 15.19 2.46
N SER B 170 16.21 15.13 3.69
CA SER B 170 16.79 14.27 4.71
C SER B 170 16.90 12.86 4.11
N CYS B 171 15.80 12.43 3.50
CA CYS B 171 15.69 11.12 2.87
C CYS B 171 16.98 10.75 2.15
N LYS B 172 17.31 11.53 1.12
CA LYS B 172 18.50 11.30 0.31
C LYS B 172 19.81 11.43 1.07
N LEU B 173 19.87 12.41 1.98
CA LEU B 173 21.09 12.60 2.73
C LEU B 173 21.40 11.40 3.61
N SER B 174 20.37 10.66 4.01
CA SER B 174 20.57 9.51 4.87
C SER B 174 20.81 8.21 4.13
N SER B 175 20.47 8.18 2.85
CA SER B 175 20.62 6.96 2.07
C SER B 175 22.00 6.79 1.44
N SER B 176 22.68 5.69 1.75
CA SER B 176 23.97 5.42 1.15
C SER B 176 23.70 5.10 -0.32
N PHE B 177 22.49 4.63 -0.60
CA PHE B 177 22.09 4.31 -1.97
C PHE B 177 21.31 5.48 -2.59
N ILE B 178 21.17 5.48 -3.91
CA ILE B 178 20.45 6.54 -4.59
C ILE B 178 18.93 6.42 -4.40
N ILE B 179 18.27 7.56 -4.21
CA ILE B 179 16.82 7.62 -4.03
C ILE B 179 16.19 8.26 -5.28
N THR B 180 15.76 7.44 -6.24
CA THR B 180 15.17 7.97 -7.46
C THR B 180 13.82 8.63 -7.22
N GLN B 181 13.22 9.15 -8.29
CA GLN B 181 11.93 9.82 -8.21
C GLN B 181 10.75 8.86 -8.05
N ASN B 182 11.02 7.57 -8.09
CA ASN B 182 9.96 6.58 -7.94
C ASN B 182 9.96 6.01 -6.53
N MET B 183 10.71 6.63 -5.62
CA MET B 183 10.78 6.16 -4.25
C MET B 183 10.57 7.34 -3.30
N PHE B 184 10.26 7.05 -2.04
CA PHE B 184 10.09 8.09 -1.04
C PHE B 184 10.35 7.47 0.33
N CYS B 185 10.98 8.24 1.23
CA CYS B 185 11.28 7.74 2.56
C CYS B 185 10.12 7.84 3.54
N ALA B 186 10.14 6.98 4.54
CA ALA B 186 9.11 6.94 5.56
C ALA B 186 9.64 6.18 6.75
N GLY B 187 9.11 6.47 7.93
CA GLY B 187 9.57 5.79 9.12
C GLY B 187 10.19 6.75 10.11
N TYR B 188 11.09 6.24 10.93
CA TYR B 188 11.76 7.04 11.96
C TYR B 188 13.26 7.12 11.82
N ASP B 189 13.82 8.21 12.33
CA ASP B 189 15.26 8.42 12.29
C ASP B 189 15.95 7.48 13.26
N THR B 190 15.39 7.34 14.46
CA THR B 190 16.00 6.48 15.47
C THR B 190 15.04 5.53 16.15
N LYS B 191 13.79 5.94 16.29
CA LYS B 191 12.79 5.10 16.94
C LYS B 191 12.87 3.72 16.29
N GLN B 192 12.93 2.66 17.08
CA GLN B 192 13.01 1.31 16.53
C GLN B 192 11.70 0.80 15.94
N GLU B 193 11.15 1.54 15.01
CA GLU B 193 9.92 1.16 14.34
C GLU B 193 10.15 1.35 12.86
N ASP B 194 9.89 0.30 12.08
CA ASP B 194 10.10 0.37 10.64
C ASP B 194 9.69 -0.96 10.04
N ALA B 195 9.47 -0.98 8.73
CA ALA B 195 9.09 -2.23 8.06
C ALA B 195 10.34 -3.07 7.99
N CYS B 196 10.23 -4.31 7.49
CA CYS B 196 11.40 -5.16 7.38
C CYS B 196 11.20 -6.29 6.36
N GLN B 197 12.19 -7.16 6.25
CA GLN B 197 12.15 -8.29 5.31
C GLN B 197 10.84 -9.05 5.41
N GLY B 198 10.20 -9.28 4.27
CA GLY B 198 8.95 -10.02 4.28
C GLY B 198 7.79 -9.07 4.09
N ASP B 199 8.01 -7.80 4.42
CA ASP B 199 6.97 -6.80 4.27
C ASP B 199 7.02 -6.23 2.88
N SER B 200 8.15 -6.43 2.19
CA SER B 200 8.32 -5.93 0.83
C SER B 200 7.14 -6.30 -0.06
N GLY B 201 6.76 -5.36 -0.93
CA GLY B 201 5.63 -5.58 -1.81
C GLY B 201 4.36 -5.35 -1.04
N GLY B 202 4.52 -5.03 0.25
CA GLY B 202 3.39 -4.78 1.12
C GLY B 202 2.77 -3.42 0.97
N PRO B 203 1.60 -3.20 1.60
CA PRO B 203 0.91 -1.92 1.51
C PRO B 203 1.44 -0.82 2.37
N HIS B 204 1.28 0.39 1.85
CA HIS B 204 1.63 1.61 2.55
C HIS B 204 0.42 2.47 2.16
N VAL B 205 -0.46 2.71 3.13
CA VAL B 205 -1.66 3.47 2.87
C VAL B 205 -1.74 4.71 3.76
N THR B 206 -2.31 5.77 3.21
CA THR B 206 -2.49 7.01 3.95
C THR B 206 -3.98 7.09 4.24
N ARG B 207 -4.34 7.54 5.43
CA ARG B 207 -5.74 7.65 5.79
C ARG B 207 -6.22 9.08 5.60
N PHE B 208 -7.42 9.23 5.04
CA PHE B 208 -8.01 10.55 4.84
C PHE B 208 -9.51 10.46 5.05
N LYS B 209 -9.99 11.15 6.07
CA LYS B 209 -11.41 11.15 6.43
C LYS B 209 -11.99 9.74 6.51
N ASP B 210 -11.36 8.89 7.32
CA ASP B 210 -11.85 7.52 7.50
C ASP B 210 -11.85 6.67 6.23
N THR B 211 -11.10 7.11 5.23
CA THR B 211 -10.97 6.35 3.99
C THR B 211 -9.48 6.18 3.71
N TYR B 212 -9.06 4.94 3.50
CA TYR B 212 -7.66 4.65 3.25
C TYR B 212 -7.31 4.60 1.76
N PHE B 213 -6.21 5.26 1.41
CA PHE B 213 -5.74 5.32 0.03
C PHE B 213 -4.35 4.71 -0.12
N VAL B 214 -4.15 3.93 -1.18
CA VAL B 214 -2.85 3.31 -1.44
C VAL B 214 -1.88 4.44 -1.77
N THR B 215 -0.70 4.44 -1.16
CA THR B 215 0.25 5.50 -1.44
C THR B 215 1.66 5.03 -1.65
N GLY B 216 1.91 3.73 -1.43
CA GLY B 216 3.26 3.23 -1.63
C GLY B 216 3.40 1.75 -1.45
N ILE B 217 4.43 1.18 -2.08
CA ILE B 217 4.71 -0.25 -1.99
C ILE B 217 5.98 -0.38 -1.15
N VAL B 218 6.01 -1.34 -0.21
CA VAL B 218 7.18 -1.54 0.62
C VAL B 218 8.32 -2.01 -0.29
N SER B 219 9.35 -1.17 -0.45
CA SER B 219 10.44 -1.48 -1.35
C SER B 219 11.71 -2.05 -0.72
N TRP B 220 12.44 -1.23 0.02
CA TRP B 220 13.68 -1.69 0.64
C TRP B 220 14.16 -0.75 1.75
N GLY B 221 15.36 -1.01 2.23
CA GLY B 221 15.94 -0.18 3.27
C GLY B 221 17.25 -0.72 3.78
N GLU B 222 18.12 0.14 4.29
CA GLU B 222 19.39 -0.31 4.83
C GLU B 222 19.12 -0.88 6.23
N GLY B 223 19.02 -2.20 6.31
CA GLY B 223 18.73 -2.84 7.57
C GLY B 223 17.25 -2.64 7.90
N CYS B 224 16.93 -2.51 9.18
CA CYS B 224 15.55 -2.31 9.62
C CYS B 224 15.54 -1.51 10.92
N ALA B 225 14.99 -0.30 10.87
CA ALA B 225 14.91 0.59 12.02
C ALA B 225 16.25 1.18 12.43
N ARG B 226 17.30 0.80 11.70
CA ARG B 226 18.64 1.30 11.97
C ARG B 226 18.60 2.83 12.07
N LYS B 227 19.27 3.37 13.09
CA LYS B 227 19.31 4.82 13.31
C LYS B 227 19.86 5.53 12.08
N GLY B 228 19.29 6.70 11.78
CA GLY B 228 19.74 7.46 10.63
C GLY B 228 19.33 6.84 9.30
N LYS B 229 18.60 5.73 9.35
CA LYS B 229 18.12 5.03 8.15
C LYS B 229 16.60 4.98 8.13
N TYR B 230 16.00 5.25 6.97
CA TYR B 230 14.56 5.23 6.86
C TYR B 230 14.09 4.08 5.97
N GLY B 231 12.78 3.85 5.96
CA GLY B 231 12.21 2.81 5.10
C GLY B 231 11.94 3.42 3.74
N ILE B 232 12.20 2.69 2.67
CA ILE B 232 11.99 3.23 1.33
C ILE B 232 10.82 2.58 0.60
N TYR B 233 9.85 3.38 0.19
CA TYR B 233 8.68 2.85 -0.50
C TYR B 233 8.56 3.34 -1.94
N THR B 234 7.99 2.50 -2.80
CA THR B 234 7.79 2.87 -4.20
C THR B 234 6.73 3.98 -4.23
N LYS B 235 7.01 5.06 -4.94
CA LYS B 235 6.07 6.17 -5.03
C LYS B 235 4.90 5.79 -5.93
N VAL B 236 3.84 5.24 -5.34
CA VAL B 236 2.67 4.83 -6.11
C VAL B 236 2.05 5.92 -7.01
N THR B 237 2.02 7.16 -6.55
CA THR B 237 1.44 8.24 -7.36
C THR B 237 2.18 8.44 -8.68
N ALA B 238 3.36 7.83 -8.80
CA ALA B 238 4.17 7.94 -10.01
C ALA B 238 3.88 6.83 -11.02
N PHE B 239 3.03 5.88 -10.65
CA PHE B 239 2.70 4.78 -11.54
C PHE B 239 1.19 4.57 -11.65
N LEU B 240 0.41 5.56 -11.21
CA LEU B 240 -1.02 5.44 -11.27
C LEU B 240 -1.53 5.25 -12.69
N LYS B 241 -1.02 6.04 -13.62
CA LYS B 241 -1.43 5.93 -15.02
C LYS B 241 -1.05 4.53 -15.53
N TRP B 242 0.10 4.03 -15.07
CA TRP B 242 0.63 2.71 -15.43
C TRP B 242 -0.15 1.57 -14.79
N ILE B 243 -0.66 1.82 -13.59
CA ILE B 243 -1.40 0.82 -12.87
C ILE B 243 -2.79 0.62 -13.45
N ASP B 244 -3.33 1.67 -14.06
CA ASP B 244 -4.66 1.56 -14.66
C ASP B 244 -4.54 0.86 -15.98
N ARG B 245 -3.50 1.16 -16.73
CA ARG B 245 -3.30 0.51 -18.00
C ARG B 245 -3.17 -1.00 -17.82
N SER B 246 -2.33 -1.40 -16.87
CA SER B 246 -2.12 -2.81 -16.60
C SER B 246 -3.40 -3.56 -16.22
N MET B 247 -4.28 -2.90 -15.47
CA MET B 247 -5.53 -3.51 -15.05
C MET B 247 -6.50 -3.59 -16.23
N LYS B 248 -6.54 -2.53 -17.02
CA LYS B 248 -7.43 -2.44 -18.17
C LYS B 248 -7.23 -3.66 -19.07
N THR B 249 -5.99 -4.14 -19.15
CA THR B 249 -5.67 -5.29 -19.99
C THR B 249 -4.54 -6.13 -19.39
CA CA C . -5.22 -18.13 9.36
C1 IIE D . 16.69 -8.59 6.54
C2 IIE D . 16.52 -7.21 6.10
C3 IIE D . 16.82 -6.86 4.68
C4 IIE D . 17.28 -7.89 3.74
C5 IIE D . 17.42 -9.26 4.20
C6 IIE D . 17.13 -9.62 5.58
N7 IIE D . 16.79 -5.68 3.97
C8 IIE D . 17.17 -5.90 2.73
C9 IIE D . 17.50 -7.24 2.52
C10 IIE D . 17.08 -5.00 1.71
N11 IIE D . 18.09 -5.00 0.84
C12 IIE D . 18.07 -3.90 -0.12
C13 IIE D . 19.39 -3.14 0.06
C14 IIE D . 19.50 -2.05 -0.97
N15 IIE D . 19.39 -2.64 -2.33
C16 IIE D . 18.05 -3.28 -2.53
C17 IIE D . 17.93 -4.42 -1.54
C27 IIE D . 19.81 -1.61 -3.32
C28 IIE D . 18.92 -0.35 -3.29
C32 IIE D . 19.81 -2.25 -4.70
C37 IIE D . 16.36 -4.40 4.54
C38 IIE D . 14.85 -4.43 4.49
C43 IIE D . 12.89 -1.56 5.73
C40 IIE D . 11.77 -0.67 5.40
C45 IIE D . 13.26 -2.65 4.86
C47 IIE D . 11.02 -0.90 4.18
C48 IIE D . 11.39 -2.00 3.30
C49 IIE D . 12.49 -2.87 3.63
N12 IIE D . 14.36 -3.37 5.19
O14 IIE D . 14.21 -5.30 3.89
CL50 IIE D . 9.81 0.17 3.71
O56 IIE D . 16.10 -4.25 1.67
#